data_8VTI
#
_entry.id   8VTI
#
_cell.length_a   1.00
_cell.length_b   1.00
_cell.length_c   1.00
_cell.angle_alpha   90.00
_cell.angle_beta   90.00
_cell.angle_gamma   90.00
#
_symmetry.space_group_name_H-M   'P 1'
#
loop_
_entity.id
_entity.type
_entity.pdbx_description
1 polymer 'Isoform 4 of Adhesion G protein-coupled receptor L3'
2 polymer 'Isoform 4 of Adhesion G protein-coupled receptor L3'
3 polymer 'sAB Light Chain'
4 polymer 'sAB Heavy Chain'
5 branched beta-D-mannopyranose-(1-4)-2-acetamido-2-deoxy-beta-D-glucopyranose-(1-4)-2-acetamido-2-deoxy-beta-D-glucopyranose
6 non-polymer 2-acetamido-2-deoxy-beta-D-glucopyranose
#
loop_
_entity_poly.entity_id
_entity_poly.type
_entity_poly.pdbx_seq_one_letter_code
_entity_poly.pdbx_strand_id
1 'polypeptide(L)'
;DYKDDDDAMAQIPALEESCEAVEAREIMWFKTRQGQIAKQPCPAGTIGVSTYLCLAPDGIWDPQGPDLSNCSSPWVNHIT
QKLKSGETAANIARELAEQTRNHLNAGDITYSVRAMDQLVGLLDVQLRNLTPGGKDSAARSLNKLQKRERSCRAYVQAMV
ETVNNLLQPQALNAWRDLTTSDQLRAATMLLHTVEESAFVLADNLLKTDIVRENTDNIKLEVARLSTEGNLEDLKFPENM
GHGSTIQLSANTLKQNGRNGEIRVAFVLYNNLGPYLSTENASMKLGTEALSTNHSVIVNSPVITAAINKEFSNKVYLADP
VVFTVKHIKQSEENFNPNCSFWSYSKRTMTGYWSTQGCRLLTTNKTHTTCSCNHL
;
A
2 'polypeptide(L)'
;TNFAVLMAHVEVKHSDAVHDLLLDVITWVGILLSLVCLLICIFTFCFFRGLQSDRNTIHKNLCISLFVAELLFLIGINRT
DQPIACAVFAALLHFFFLAAFTWMFLEGVQLYIMLVEVFESEHSRRKYFYLVGYGMPALIVAVSAAVDYRSYGTDKVCWL
RLDTYFIWSFIGPATLIIMLNVIFLGIALYKMFHHTAILKPESGCLDNINYEDNRPFIKSWVIGAIALLCLLGLTWAFGL
MYINESTVIMAYLFTIFNSLQGMFIFIFHCVLQKKVRKEYGKCLRTHCCSGKSTESSIGSGKTSGSHHHHHHHH
;
B
3 'polypeptide(L)'
;SDIQMTQSPSSLSASVGDRVTITCRASQSVSSAVAWYQQKPGKAPKLLIYSASSLYSGVPSRFSGSRSGTDFTLTISSLQ
PEDFATYYCQQSGQYPLTFGQGTKVEIKRTVAAPSVFIFPPSDSQLKSGTASVVCLLNNFYPREAKVQWKVDNALQSGNS
QESVTEQDSKDSTYSLSSTLTLSKADYEKHKVYACEVTHQGLSSPVTKSFNRGEC
;
C
4 'polypeptide(L)'
;EISEVQLVESGGGLVQPGGSLRLSCAASGFNISSSYIHWVRQAPGKGLEWVASISPYSGYTSYADSVKGRFTISADTSKN
TAYLQMNSLRAEDTAVYYCARHNYWQWWEYSYALDYWGQGTLVTVSSASTKGPSVFPLAPSSKSTSGGTAALGCLVKDYF
PEPVTVSWNSGALTSGVHTFPAVLQSSGLYSLSSVVTVPSSSLGTQTYICNVNHKPSNTKVDKKVEPKSCDKTHT
;
D
#
# COMPACT_ATOMS: atom_id res chain seq x y z
N SER A 18 11.86 10.40 -55.35
CA SER A 18 12.00 11.57 -54.45
C SER A 18 12.13 11.14 -52.99
N CYS A 19 11.79 9.89 -52.63
CA CYS A 19 11.77 9.52 -51.18
C CYS A 19 12.59 8.28 -50.88
N GLU A 20 13.60 8.00 -51.70
CA GLU A 20 14.49 6.81 -51.48
C GLU A 20 15.76 7.19 -50.69
N ALA A 21 16.25 6.28 -49.85
CA ALA A 21 17.52 6.49 -49.11
C ALA A 21 17.95 5.20 -48.41
N VAL A 22 19.18 5.17 -47.87
CA VAL A 22 19.68 3.97 -47.15
C VAL A 22 20.00 4.37 -45.71
N GLU A 23 19.58 3.55 -44.74
CA GLU A 23 19.84 3.85 -43.30
C GLU A 23 21.02 2.98 -42.80
N ALA A 24 21.49 3.26 -41.58
CA ALA A 24 22.66 2.52 -41.02
C ALA A 24 22.29 1.06 -40.71
N ARG A 25 21.01 0.77 -40.46
CA ARG A 25 20.58 -0.61 -40.07
C ARG A 25 20.37 -1.47 -41.32
N GLU A 26 21.23 -1.33 -42.34
CA GLU A 26 21.15 -2.15 -43.58
C GLU A 26 19.72 -2.16 -44.13
N ILE A 27 19.13 -0.98 -44.31
CA ILE A 27 17.74 -0.88 -44.88
C ILE A 27 17.70 0.21 -45.95
N MET A 28 17.51 -0.17 -47.21
CA MET A 28 17.34 0.84 -48.30
C MET A 28 15.85 1.04 -48.55
N TRP A 29 15.47 2.04 -49.37
CA TRP A 29 14.04 2.25 -49.71
C TRP A 29 13.82 2.71 -51.16
N PHE A 30 12.58 2.54 -51.66
CA PHE A 30 12.22 3.02 -53.02
C PHE A 30 11.95 4.51 -52.90
N LYS A 31 11.86 5.23 -54.02
CA LYS A 31 11.47 6.66 -53.98
C LYS A 31 9.94 6.73 -54.15
N THR A 32 9.19 6.90 -53.06
CA THR A 32 7.71 6.91 -53.20
C THR A 32 7.32 8.33 -53.65
N ARG A 33 6.97 8.48 -54.91
CA ARG A 33 6.66 9.81 -55.41
C ARG A 33 5.67 10.49 -54.47
N GLN A 34 4.86 9.77 -53.66
CA GLN A 34 3.82 10.40 -52.81
C GLN A 34 3.59 9.56 -51.53
N GLY A 35 4.65 9.27 -50.78
CA GLY A 35 4.52 8.55 -49.50
C GLY A 35 3.80 7.21 -49.63
N GLN A 36 4.39 6.29 -50.40
CA GLN A 36 3.78 4.96 -50.63
C GLN A 36 4.47 3.98 -49.66
N ILE A 37 3.83 2.85 -49.25
CA ILE A 37 4.42 1.89 -48.27
C ILE A 37 5.68 1.25 -48.86
N ALA A 38 6.70 1.01 -48.04
CA ALA A 38 7.98 0.45 -48.53
C ALA A 38 8.79 -0.09 -47.34
N LYS A 39 9.12 -1.38 -47.36
CA LYS A 39 9.88 -2.01 -46.22
C LYS A 39 11.05 -2.87 -46.73
N GLN A 40 12.07 -3.09 -45.89
CA GLN A 40 13.22 -3.98 -46.23
C GLN A 40 13.59 -4.75 -44.95
N PRO A 41 14.18 -5.97 -45.00
CA PRO A 41 14.44 -6.76 -43.78
C PRO A 41 15.38 -6.11 -42.75
N CYS A 42 15.30 -6.56 -41.50
CA CYS A 42 16.14 -5.99 -40.40
C CYS A 42 17.61 -6.40 -40.59
N PRO A 43 18.63 -5.69 -40.03
CA PRO A 43 20.05 -6.01 -40.31
C PRO A 43 20.44 -7.46 -40.02
N ALA A 44 21.44 -7.98 -40.77
CA ALA A 44 21.92 -9.37 -40.57
C ALA A 44 22.12 -9.65 -39.08
N GLY A 45 21.44 -10.68 -38.55
CA GLY A 45 21.52 -11.00 -37.12
C GLY A 45 20.15 -10.92 -36.45
N THR A 46 19.12 -10.53 -37.21
CA THR A 46 17.74 -10.44 -36.67
C THR A 46 16.76 -11.14 -37.63
N ILE A 47 15.45 -11.00 -37.41
CA ILE A 47 14.47 -11.75 -38.25
C ILE A 47 13.32 -10.84 -38.72
N GLY A 48 13.17 -9.64 -38.13
CA GLY A 48 12.01 -8.78 -38.47
C GLY A 48 12.22 -7.94 -39.72
N VAL A 49 11.35 -6.95 -39.95
CA VAL A 49 11.49 -6.02 -41.12
C VAL A 49 11.38 -4.59 -40.60
N SER A 50 11.34 -3.60 -41.50
CA SER A 50 11.29 -2.18 -41.09
C SER A 50 10.62 -1.32 -42.16
N THR A 51 9.42 -0.80 -41.87
CA THR A 51 8.70 0.09 -42.82
C THR A 51 9.14 1.55 -42.62
N TYR A 52 9.10 2.34 -43.69
CA TYR A 52 9.49 3.77 -43.60
C TYR A 52 9.06 4.46 -44.91
N LEU A 53 7.92 5.15 -44.88
CA LEU A 53 7.49 5.91 -46.09
C LEU A 53 7.45 7.40 -45.73
N CYS A 54 7.64 8.28 -46.72
CA CYS A 54 7.71 9.75 -46.45
C CYS A 54 6.41 10.20 -45.77
N LEU A 55 6.52 11.05 -44.74
CA LEU A 55 5.31 11.54 -44.02
C LEU A 55 4.34 12.17 -45.02
N ALA A 56 4.80 13.18 -45.74
CA ALA A 56 3.86 13.91 -46.61
C ALA A 56 4.01 13.42 -48.06
N PRO A 57 2.95 13.39 -48.88
CA PRO A 57 3.08 13.04 -50.29
C PRO A 57 3.96 14.03 -51.05
N ASP A 58 4.25 15.19 -50.45
CA ASP A 58 5.13 16.20 -51.08
C ASP A 58 6.50 15.59 -51.37
N GLY A 59 7.06 14.80 -50.45
CA GLY A 59 8.35 14.13 -50.67
C GLY A 59 9.37 14.50 -49.60
N ILE A 60 9.06 14.18 -48.33
CA ILE A 60 9.98 14.50 -47.20
C ILE A 60 10.11 13.27 -46.30
N TRP A 61 11.33 12.78 -46.09
CA TRP A 61 11.59 11.59 -45.25
C TRP A 61 10.81 11.67 -43.93
N ASP A 62 10.14 10.60 -43.50
CA ASP A 62 9.46 10.62 -42.19
C ASP A 62 10.55 10.83 -41.13
N PRO A 63 10.64 12.01 -40.48
CA PRO A 63 11.76 12.30 -39.58
C PRO A 63 11.92 11.20 -38.52
N GLN A 64 10.82 10.54 -38.17
CA GLN A 64 10.87 9.49 -37.17
C GLN A 64 11.87 8.39 -37.47
N GLY A 65 12.20 8.18 -38.74
CA GLY A 65 13.17 7.13 -39.14
C GLY A 65 12.52 5.76 -39.23
N PRO A 66 13.26 4.69 -39.60
CA PRO A 66 12.69 3.36 -39.65
C PRO A 66 12.31 2.86 -38.25
N ASP A 67 11.28 2.02 -38.17
CA ASP A 67 10.83 1.46 -36.86
C ASP A 67 11.51 0.10 -36.63
N LEU A 68 12.60 0.09 -35.85
CA LEU A 68 13.28 -1.19 -35.52
C LEU A 68 12.52 -1.83 -34.37
N SER A 69 11.19 -1.99 -34.51
CA SER A 69 10.37 -2.49 -33.39
C SER A 69 10.11 -4.00 -33.51
N ASN A 70 10.57 -4.62 -34.60
CA ASN A 70 10.31 -6.06 -34.86
C ASN A 70 11.59 -6.89 -34.73
N CYS A 71 12.73 -6.35 -35.18
CA CYS A 71 14.01 -7.10 -35.17
C CYS A 71 14.23 -7.73 -33.79
N SER A 72 14.61 -9.02 -33.75
CA SER A 72 14.83 -9.72 -32.47
C SER A 72 16.00 -10.71 -32.61
N SER A 73 16.79 -10.89 -31.54
CA SER A 73 17.97 -11.80 -31.58
C SER A 73 17.52 -13.24 -31.87
N PRO A 74 18.33 -14.06 -32.58
CA PRO A 74 17.93 -15.43 -32.96
C PRO A 74 17.60 -16.38 -31.80
N TRP A 75 17.95 -16.01 -30.56
CA TRP A 75 17.63 -16.87 -29.39
C TRP A 75 16.10 -17.05 -29.27
N VAL A 76 15.33 -16.15 -29.87
CA VAL A 76 13.84 -16.25 -29.84
C VAL A 76 13.42 -17.64 -30.33
N ASN A 77 13.90 -18.05 -31.51
CA ASN A 77 13.43 -19.33 -32.10
C ASN A 77 13.75 -20.51 -31.17
N HIS A 78 14.96 -20.57 -30.60
CA HIS A 78 15.33 -21.74 -29.78
C HIS A 78 14.34 -21.87 -28.61
N ILE A 79 14.06 -20.77 -27.92
CA ILE A 79 13.11 -20.80 -26.77
C ILE A 79 11.73 -21.21 -27.29
N THR A 80 11.34 -20.77 -28.49
CA THR A 80 9.99 -21.08 -29.01
C THR A 80 9.81 -22.60 -29.06
N GLN A 81 10.80 -23.31 -29.60
CA GLN A 81 10.70 -24.79 -29.72
C GLN A 81 10.74 -25.40 -28.31
N LYS A 82 11.43 -24.75 -27.38
CA LYS A 82 11.49 -25.25 -25.97
C LYS A 82 10.09 -25.15 -25.37
N LEU A 83 9.41 -24.02 -25.60
CA LEU A 83 8.02 -23.88 -25.10
C LEU A 83 7.21 -25.04 -25.68
N LYS A 84 7.50 -25.43 -26.93
CA LYS A 84 6.80 -26.58 -27.56
C LYS A 84 7.27 -27.89 -26.91
N SER A 85 8.58 -28.05 -26.65
CA SER A 85 9.04 -29.31 -26.09
C SER A 85 8.28 -29.71 -24.83
N GLY A 86 7.63 -28.76 -24.16
CA GLY A 86 6.89 -29.08 -22.95
C GLY A 86 7.76 -29.50 -21.78
N GLU A 87 8.94 -28.90 -21.64
CA GLU A 87 9.80 -29.18 -20.51
C GLU A 87 9.40 -28.30 -19.32
N THR A 88 9.93 -28.61 -18.15
CA THR A 88 9.63 -27.83 -16.95
C THR A 88 10.01 -26.38 -17.17
N ALA A 89 9.06 -25.48 -16.88
CA ALA A 89 9.21 -24.06 -17.23
C ALA A 89 10.38 -23.40 -16.49
N ALA A 90 10.83 -23.97 -15.38
CA ALA A 90 11.97 -23.40 -14.67
C ALA A 90 13.22 -23.44 -15.54
N ASN A 91 13.43 -24.55 -16.26
CA ASN A 91 14.60 -24.64 -17.14
C ASN A 91 14.54 -23.62 -18.26
N ILE A 92 13.36 -23.43 -18.86
CA ILE A 92 13.22 -22.44 -19.93
C ILE A 92 13.45 -21.04 -19.40
N ALA A 93 12.91 -20.76 -18.21
CA ALA A 93 13.10 -19.43 -17.59
C ALA A 93 14.59 -19.18 -17.35
N ARG A 94 15.30 -20.19 -16.85
CA ARG A 94 16.77 -20.05 -16.64
C ARG A 94 17.41 -19.73 -18.00
N GLU A 95 17.05 -20.47 -19.03
CA GLU A 95 17.69 -20.27 -20.37
C GLU A 95 17.43 -18.85 -20.86
N LEU A 96 16.22 -18.32 -20.64
CA LEU A 96 15.86 -16.97 -21.15
C LEU A 96 16.85 -15.94 -20.58
N ALA A 97 17.05 -15.94 -19.26
CA ALA A 97 17.95 -14.95 -18.61
C ALA A 97 19.36 -15.08 -19.20
N GLU A 98 19.81 -16.33 -19.43
CA GLU A 98 21.19 -16.55 -19.94
C GLU A 98 21.38 -15.79 -21.27
N GLN A 99 20.32 -15.71 -22.08
CA GLN A 99 20.43 -15.02 -23.40
C GLN A 99 20.24 -13.52 -23.24
N THR A 100 19.32 -13.08 -22.36
CA THR A 100 19.00 -11.63 -22.24
C THR A 100 20.19 -10.83 -21.66
N ARG A 101 21.32 -11.48 -21.38
CA ARG A 101 22.51 -10.74 -20.92
C ARG A 101 23.03 -9.85 -22.06
N ASN A 102 22.90 -10.29 -23.32
CA ASN A 102 23.47 -9.55 -24.48
C ASN A 102 22.58 -8.35 -24.87
N HIS A 103 22.95 -7.66 -25.96
CA HIS A 103 22.16 -6.49 -26.42
C HIS A 103 20.71 -6.89 -26.64
N LEU A 104 19.76 -6.08 -26.15
CA LEU A 104 18.32 -6.44 -26.23
C LEU A 104 17.63 -5.70 -27.39
N ASN A 105 16.50 -6.23 -27.85
CA ASN A 105 15.72 -5.61 -28.95
C ASN A 105 14.25 -5.57 -28.52
N ALA A 106 13.45 -4.67 -29.10
CA ALA A 106 12.01 -4.56 -28.77
C ALA A 106 11.36 -5.91 -29.01
N GLY A 107 11.77 -6.62 -30.06
CA GLY A 107 11.25 -7.97 -30.34
C GLY A 107 11.62 -8.93 -29.22
N ASP A 108 12.89 -8.89 -28.76
CA ASP A 108 13.31 -9.75 -27.62
C ASP A 108 12.48 -9.36 -26.38
N ILE A 109 12.36 -8.06 -26.12
CA ILE A 109 11.53 -7.56 -24.98
C ILE A 109 10.14 -8.13 -25.14
N THR A 110 9.50 -7.92 -26.30
CA THR A 110 8.10 -8.40 -26.49
C THR A 110 8.06 -9.93 -26.38
N TYR A 111 9.11 -10.61 -26.87
CA TYR A 111 9.10 -12.09 -26.85
C TYR A 111 9.24 -12.58 -25.40
N SER A 112 10.16 -11.96 -24.65
CA SER A 112 10.34 -12.34 -23.22
C SER A 112 9.04 -12.04 -22.47
N VAL A 113 8.49 -10.84 -22.66
CA VAL A 113 7.20 -10.47 -22.01
C VAL A 113 6.17 -11.57 -22.33
N ARG A 114 6.01 -11.91 -23.61
CA ARG A 114 5.01 -12.95 -24.01
C ARG A 114 5.42 -14.31 -23.40
N ALA A 115 6.70 -14.66 -23.47
CA ALA A 115 7.17 -15.96 -22.93
C ALA A 115 6.81 -16.04 -21.45
N MET A 116 7.09 -14.96 -20.70
CA MET A 116 6.82 -14.95 -19.25
C MET A 116 5.33 -15.18 -19.00
N ASP A 117 4.48 -15.02 -20.02
CA ASP A 117 3.03 -15.29 -19.85
C ASP A 117 2.74 -16.77 -20.10
N GLN A 118 3.43 -17.40 -21.06
CA GLN A 118 3.11 -18.82 -21.40
C GLN A 118 3.66 -19.73 -20.29
N LEU A 119 4.89 -19.44 -19.84
CA LEU A 119 5.53 -20.22 -18.77
C LEU A 119 4.57 -20.29 -17.58
N VAL A 120 3.95 -19.17 -17.20
CA VAL A 120 2.93 -19.23 -16.10
C VAL A 120 1.88 -20.28 -16.50
N GLY A 121 1.31 -20.19 -17.71
CA GLY A 121 0.29 -21.18 -18.05
C GLY A 121 0.77 -22.61 -17.90
N LEU A 122 2.01 -22.88 -18.36
CA LEU A 122 2.56 -24.23 -18.25
C LEU A 122 2.70 -24.65 -16.79
N LEU A 123 3.21 -23.74 -15.97
CA LEU A 123 3.36 -24.01 -14.52
C LEU A 123 1.97 -24.33 -13.96
N ASP A 124 0.97 -23.52 -14.31
CA ASP A 124 -0.39 -23.81 -13.83
C ASP A 124 -0.79 -25.23 -14.21
N VAL A 125 -0.43 -25.66 -15.43
CA VAL A 125 -0.74 -27.02 -15.85
C VAL A 125 -0.03 -28.05 -14.97
N GLN A 126 1.27 -27.84 -14.71
CA GLN A 126 1.99 -28.81 -13.89
C GLN A 126 1.51 -28.80 -12.43
N LEU A 127 1.13 -27.63 -11.92
CA LEU A 127 0.57 -27.56 -10.57
C LEU A 127 -0.75 -28.31 -10.48
N ARG A 128 -1.59 -28.19 -11.51
CA ARG A 128 -2.81 -28.98 -11.55
C ARG A 128 -2.50 -30.47 -11.62
N ASN A 129 -1.49 -30.84 -12.42
CA ASN A 129 -1.12 -32.24 -12.56
C ASN A 129 -0.61 -32.83 -11.25
N LEU A 130 0.23 -32.08 -10.52
CA LEU A 130 0.84 -32.57 -9.28
C LEU A 130 -0.15 -32.36 -8.14
N THR A 131 -1.11 -33.27 -8.06
CA THR A 131 -2.14 -33.26 -7.03
C THR A 131 -2.27 -34.67 -6.48
N PRO A 132 -2.41 -34.80 -5.16
CA PRO A 132 -2.61 -36.15 -4.58
C PRO A 132 -3.77 -36.88 -5.24
N GLY A 133 -3.48 -38.07 -5.76
CA GLY A 133 -4.49 -38.86 -6.45
C GLY A 133 -4.59 -40.27 -5.89
N GLY A 134 -4.41 -40.40 -4.58
CA GLY A 134 -4.49 -41.71 -3.95
C GLY A 134 -4.05 -41.61 -2.51
N LYS A 135 -4.01 -42.77 -1.87
CA LYS A 135 -3.59 -42.84 -0.47
C LYS A 135 -2.10 -42.54 -0.36
N ASP A 136 -1.75 -41.62 0.54
CA ASP A 136 -0.35 -41.29 0.79
C ASP A 136 0.29 -42.42 1.59
N SER A 137 1.01 -43.30 0.89
CA SER A 137 1.60 -44.47 1.54
C SER A 137 2.60 -44.05 2.61
N ALA A 138 3.72 -43.45 2.20
CA ALA A 138 4.68 -42.91 3.15
C ALA A 138 4.86 -41.40 3.02
N ALA A 139 5.30 -40.92 1.84
CA ALA A 139 5.57 -39.49 1.69
C ALA A 139 5.23 -38.96 0.30
N ARG A 140 4.23 -39.55 -0.37
CA ARG A 140 3.96 -39.15 -1.76
C ARG A 140 3.48 -37.70 -1.85
N SER A 141 2.52 -37.32 -1.01
CA SER A 141 2.02 -35.95 -1.03
C SER A 141 3.11 -34.96 -0.62
N LEU A 142 3.91 -35.32 0.38
CA LEU A 142 5.00 -34.45 0.80
C LEU A 142 6.02 -34.27 -0.32
N ASN A 143 6.34 -35.35 -1.05
CA ASN A 143 7.27 -35.24 -2.16
C ASN A 143 6.70 -34.35 -3.26
N LYS A 144 5.42 -34.51 -3.58
CA LYS A 144 4.79 -33.67 -4.60
C LYS A 144 4.85 -32.20 -4.20
N LEU A 145 4.50 -31.90 -2.94
CA LEU A 145 4.49 -30.52 -2.48
C LEU A 145 5.90 -29.94 -2.48
N GLN A 146 6.90 -30.72 -2.05
CA GLN A 146 8.27 -30.24 -2.06
C GLN A 146 8.76 -29.98 -3.48
N LYS A 147 8.42 -30.87 -4.42
CA LYS A 147 8.80 -30.66 -5.81
C LYS A 147 8.17 -29.38 -6.35
N ARG A 148 6.88 -29.17 -6.08
CA ARG A 148 6.21 -27.96 -6.54
C ARG A 148 6.87 -26.71 -5.95
N GLU A 149 7.03 -26.70 -4.64
CA GLU A 149 7.60 -25.49 -3.99
C GLU A 149 8.99 -25.24 -4.58
N ARG A 150 9.80 -26.30 -4.69
CA ARG A 150 11.19 -26.15 -5.20
C ARG A 150 11.11 -25.58 -6.62
N SER A 151 10.29 -26.17 -7.50
CA SER A 151 10.25 -25.71 -8.91
C SER A 151 9.66 -24.29 -8.98
N CYS A 152 8.63 -24.01 -8.19
CA CYS A 152 7.97 -22.67 -8.23
C CYS A 152 8.92 -21.61 -7.66
N ARG A 153 9.60 -21.93 -6.56
CA ARG A 153 10.61 -20.98 -6.04
C ARG A 153 11.65 -20.75 -7.14
N ALA A 154 12.03 -21.82 -7.84
CA ALA A 154 13.01 -21.70 -8.94
C ALA A 154 12.47 -20.75 -10.01
N TYR A 155 11.17 -20.83 -10.33
CA TYR A 155 10.63 -19.98 -11.42
C TYR A 155 10.73 -18.50 -11.05
N VAL A 156 10.22 -18.12 -9.87
CA VAL A 156 10.21 -16.69 -9.46
C VAL A 156 11.64 -16.20 -9.25
N GLN A 157 12.53 -17.06 -8.73
CA GLN A 157 13.96 -16.66 -8.57
C GLN A 157 14.54 -16.34 -9.96
N ALA A 158 14.17 -17.10 -10.98
CA ALA A 158 14.64 -16.82 -12.36
C ALA A 158 13.95 -15.57 -12.91
N MET A 159 12.69 -15.34 -12.55
CA MET A 159 11.93 -14.17 -13.06
C MET A 159 12.62 -12.88 -12.60
N VAL A 160 13.02 -12.81 -11.33
CA VAL A 160 13.74 -11.61 -10.81
C VAL A 160 15.01 -11.40 -11.65
N GLU A 161 15.68 -12.48 -12.05
CA GLU A 161 16.89 -12.37 -12.90
C GLU A 161 16.52 -11.91 -14.32
N THR A 162 15.46 -12.47 -14.91
CA THR A 162 15.05 -12.09 -16.29
C THR A 162 14.65 -10.61 -16.33
N VAL A 163 13.98 -10.13 -15.29
CA VAL A 163 13.64 -8.67 -15.26
C VAL A 163 14.89 -7.86 -14.89
N ASN A 164 15.76 -8.37 -14.01
CA ASN A 164 17.02 -7.62 -13.77
C ASN A 164 17.65 -7.37 -15.14
N ASN A 165 17.77 -8.42 -15.96
CA ASN A 165 18.46 -8.29 -17.27
C ASN A 165 17.68 -7.31 -18.16
N LEU A 166 16.35 -7.42 -18.16
CA LEU A 166 15.55 -6.59 -19.06
C LEU A 166 15.55 -5.12 -18.62
N LEU A 167 15.65 -4.83 -17.34
CA LEU A 167 15.58 -3.37 -17.02
C LEU A 167 16.99 -2.78 -16.92
N GLN A 168 17.99 -3.41 -17.55
CA GLN A 168 19.35 -2.90 -17.53
C GLN A 168 19.34 -1.42 -17.91
N PRO A 169 20.09 -0.52 -17.22
CA PRO A 169 20.06 0.90 -17.58
C PRO A 169 20.50 1.12 -19.03
N GLN A 170 21.48 0.35 -19.52
CA GLN A 170 21.98 0.58 -20.87
C GLN A 170 21.12 -0.06 -21.95
N ALA A 171 20.01 -0.70 -21.57
CA ALA A 171 19.12 -1.36 -22.52
C ALA A 171 17.92 -0.50 -22.90
N LEU A 172 17.92 0.78 -22.53
CA LEU A 172 16.78 1.64 -22.84
C LEU A 172 16.63 1.93 -24.32
N ASN A 173 17.66 1.66 -25.12
CA ASN A 173 17.59 1.95 -26.55
C ASN A 173 16.51 1.14 -27.24
N ALA A 174 16.39 -0.12 -26.82
CA ALA A 174 15.34 -1.00 -27.40
C ALA A 174 13.97 -0.50 -26.93
N TRP A 175 13.87 -0.13 -25.65
CA TRP A 175 12.58 0.36 -25.09
C TRP A 175 12.12 1.59 -25.88
N ARG A 176 13.04 2.51 -26.19
CA ARG A 176 12.67 3.76 -26.93
C ARG A 176 12.30 3.41 -28.38
N ASP A 177 12.97 2.43 -28.98
CA ASP A 177 12.64 1.99 -30.36
C ASP A 177 11.18 1.54 -30.39
N LEU A 178 10.76 0.77 -29.39
CA LEU A 178 9.35 0.29 -29.31
C LEU A 178 8.43 1.51 -29.27
N THR A 179 7.34 1.50 -30.05
CA THR A 179 6.42 2.68 -30.11
C THR A 179 5.85 3.00 -28.72
N THR A 180 5.53 4.27 -28.47
CA THR A 180 5.00 4.69 -27.15
C THR A 180 3.82 3.79 -26.77
N SER A 181 2.93 3.49 -27.72
CA SER A 181 1.73 2.68 -27.42
C SER A 181 2.13 1.28 -26.95
N ASP A 182 3.15 0.67 -27.57
CA ASP A 182 3.53 -0.72 -27.21
C ASP A 182 4.45 -0.72 -25.99
N GLN A 183 5.26 0.33 -25.80
CA GLN A 183 6.26 0.32 -24.69
C GLN A 183 5.51 0.34 -23.35
N LEU A 184 4.43 1.13 -23.23
CA LEU A 184 3.62 1.12 -21.99
C LEU A 184 2.89 -0.23 -21.88
N ARG A 185 2.44 -0.79 -23.01
CA ARG A 185 1.68 -2.06 -22.97
C ARG A 185 2.60 -3.20 -22.53
N ALA A 186 3.81 -3.28 -23.10
CA ALA A 186 4.77 -4.33 -22.71
C ALA A 186 5.18 -4.16 -21.25
N ALA A 187 5.43 -2.90 -20.83
CA ALA A 187 5.80 -2.64 -19.42
C ALA A 187 4.63 -3.04 -18.51
N THR A 188 3.40 -2.74 -18.92
CA THR A 188 2.20 -3.12 -18.13
C THR A 188 2.19 -4.64 -17.97
N MET A 189 2.51 -5.37 -19.04
CA MET A 189 2.51 -6.86 -18.98
C MET A 189 3.65 -7.33 -18.07
N LEU A 190 4.78 -6.62 -18.06
CA LEU A 190 5.88 -6.99 -17.12
C LEU A 190 5.30 -6.94 -15.70
N LEU A 191 4.64 -5.83 -15.36
CA LEU A 191 4.01 -5.68 -14.01
C LEU A 191 3.00 -6.81 -13.78
N HIS A 192 2.27 -7.24 -14.82
CA HIS A 192 1.20 -8.27 -14.61
C HIS A 192 1.79 -9.68 -14.49
N THR A 193 2.83 -10.03 -15.25
CA THR A 193 3.33 -11.43 -15.22
C THR A 193 4.10 -11.69 -13.92
N VAL A 194 4.81 -10.69 -13.42
CA VAL A 194 5.60 -10.81 -12.19
C VAL A 194 4.68 -10.90 -10.97
N GLU A 195 3.58 -10.17 -10.97
CA GLU A 195 2.65 -10.29 -9.84
C GLU A 195 1.92 -11.62 -9.86
N GLU A 196 1.61 -12.15 -11.05
CA GLU A 196 1.06 -13.51 -11.12
C GLU A 196 2.04 -14.54 -10.57
N SER A 197 3.31 -14.39 -10.95
CA SER A 197 4.35 -15.32 -10.46
C SER A 197 4.48 -15.19 -8.93
N ALA A 198 4.41 -13.95 -8.43
CA ALA A 198 4.49 -13.72 -6.97
C ALA A 198 3.34 -14.47 -6.30
N PHE A 199 2.11 -14.28 -6.77
CA PHE A 199 0.95 -14.92 -6.09
C PHE A 199 1.05 -16.44 -6.22
N VAL A 200 1.56 -16.94 -7.34
CA VAL A 200 1.75 -18.39 -7.45
C VAL A 200 2.75 -18.87 -6.40
N LEU A 201 3.85 -18.13 -6.22
CA LEU A 201 4.85 -18.51 -5.20
C LEU A 201 4.18 -18.50 -3.83
N ALA A 202 3.36 -17.48 -3.54
CA ALA A 202 2.66 -17.40 -2.25
C ALA A 202 1.76 -18.62 -2.07
N ASP A 203 1.04 -19.01 -3.13
CA ASP A 203 0.13 -20.18 -3.06
C ASP A 203 0.95 -21.47 -2.90
N ASN A 204 2.22 -21.50 -3.28
CA ASN A 204 2.93 -22.79 -3.13
C ASN A 204 3.93 -22.71 -1.96
N LEU A 205 3.83 -21.70 -1.09
CA LEU A 205 4.73 -21.70 0.09
C LEU A 205 4.34 -22.85 1.02
N LEU A 206 5.31 -23.42 1.75
CA LEU A 206 5.03 -24.61 2.61
C LEU A 206 4.23 -24.20 3.85
N LYS A 207 4.84 -23.45 4.77
CA LYS A 207 4.16 -23.10 6.04
C LYS A 207 4.30 -21.60 6.32
N THR A 208 3.49 -20.77 5.66
CA THR A 208 3.51 -19.30 5.90
C THR A 208 4.94 -18.80 6.10
N ASP A 209 5.80 -18.93 5.08
CA ASP A 209 7.19 -18.43 5.17
C ASP A 209 7.32 -17.14 4.35
N ILE A 210 8.52 -16.55 4.34
CA ILE A 210 8.76 -15.29 3.58
C ILE A 210 9.87 -15.51 2.54
N VAL A 211 9.63 -15.13 1.29
CA VAL A 211 10.68 -15.24 0.23
C VAL A 211 11.03 -13.84 -0.27
N ARG A 212 12.32 -13.49 -0.27
CA ARG A 212 12.75 -12.13 -0.71
C ARG A 212 13.86 -12.27 -1.76
N GLU A 213 13.50 -12.46 -3.02
CA GLU A 213 14.52 -12.49 -4.10
C GLU A 213 14.62 -11.10 -4.72
N ASN A 214 15.73 -10.39 -4.48
CA ASN A 214 15.87 -9.00 -4.98
C ASN A 214 17.14 -8.86 -5.83
N THR A 215 17.23 -7.79 -6.62
CA THR A 215 18.43 -7.55 -7.47
C THR A 215 18.62 -6.04 -7.60
N ASP A 216 19.62 -5.61 -8.38
CA ASP A 216 19.92 -4.16 -8.50
C ASP A 216 18.69 -3.41 -9.03
N ASN A 217 17.96 -3.97 -9.99
CA ASN A 217 16.82 -3.24 -10.61
C ASN A 217 15.50 -3.59 -9.91
N ILE A 218 15.14 -4.87 -9.90
CA ILE A 218 13.83 -5.30 -9.31
C ILE A 218 14.03 -5.82 -7.90
N LYS A 219 13.14 -5.42 -6.98
CA LYS A 219 13.24 -6.02 -5.62
C LYS A 219 11.88 -6.65 -5.31
N LEU A 220 11.84 -7.91 -4.87
CA LEU A 220 10.53 -8.58 -4.68
C LEU A 220 10.44 -9.23 -3.29
N GLU A 221 9.29 -9.12 -2.62
CA GLU A 221 9.09 -9.78 -1.31
C GLU A 221 7.71 -10.46 -1.31
N VAL A 222 7.68 -11.78 -1.49
CA VAL A 222 6.39 -12.53 -1.42
C VAL A 222 6.30 -13.20 -0.06
N ALA A 223 5.29 -12.86 0.73
CA ALA A 223 5.23 -13.40 2.11
C ALA A 223 3.81 -13.88 2.43
N ARG A 224 3.64 -15.18 2.68
CA ARG A 224 2.31 -15.66 3.12
C ARG A 224 2.28 -15.52 4.65
N LEU A 225 1.41 -14.65 5.17
CA LEU A 225 1.36 -14.41 6.63
C LEU A 225 0.09 -15.06 7.21
N SER A 226 -0.03 -15.04 8.55
CA SER A 226 -1.24 -15.63 9.20
C SER A 226 -1.91 -14.58 10.09
N THR A 227 -3.24 -14.60 10.15
CA THR A 227 -4.00 -13.63 10.99
C THR A 227 -4.42 -14.30 12.30
N GLU A 228 -3.46 -14.65 13.16
CA GLU A 228 -3.75 -15.30 14.43
C GLU A 228 -3.24 -14.41 15.56
N GLY A 229 -4.11 -14.11 16.51
CA GLY A 229 -3.70 -13.28 17.64
C GLY A 229 -3.30 -11.89 17.21
N ASN A 230 -2.12 -11.48 17.68
CA ASN A 230 -1.60 -10.13 17.37
C ASN A 230 -0.55 -10.24 16.26
N LEU A 231 -0.64 -9.38 15.25
CA LEU A 231 0.31 -9.39 14.11
C LEU A 231 1.03 -8.04 14.03
N GLU A 232 2.15 -7.97 13.32
CA GLU A 232 2.94 -6.71 13.19
C GLU A 232 2.69 -6.06 11.83
N ASP A 233 3.28 -4.88 11.60
CA ASP A 233 3.14 -4.19 10.28
C ASP A 233 4.14 -4.79 9.27
N LEU A 234 3.92 -4.56 7.97
CA LEU A 234 4.84 -5.07 6.93
C LEU A 234 5.48 -3.89 6.19
N LYS A 235 6.82 -3.85 6.15
CA LYS A 235 7.53 -2.75 5.45
C LYS A 235 8.49 -3.34 4.40
N PHE A 236 8.55 -2.72 3.22
CA PHE A 236 9.45 -3.20 2.13
C PHE A 236 10.17 -1.99 1.54
N PRO A 237 11.40 -2.14 1.01
CA PRO A 237 12.41 -3.02 1.60
C PRO A 237 12.80 -2.57 3.01
N GLU A 238 13.36 -3.48 3.81
CA GLU A 238 13.76 -3.18 5.21
C GLU A 238 14.61 -1.91 5.24
N ASN A 239 15.81 -1.93 4.65
CA ASN A 239 16.71 -0.75 4.64
C ASN A 239 17.42 -0.62 3.29
N MET A 240 17.33 -1.66 2.45
CA MET A 240 17.96 -1.62 1.09
C MET A 240 17.24 -0.58 0.23
N GLY A 241 17.99 0.19 -0.56
CA GLY A 241 17.38 1.26 -1.40
C GLY A 241 17.40 2.60 -0.68
N HIS A 242 17.56 2.59 0.65
CA HIS A 242 17.64 3.84 1.45
C HIS A 242 16.56 4.82 0.97
N GLY A 243 15.33 4.35 0.87
CA GLY A 243 14.24 5.20 0.34
C GLY A 243 13.28 4.36 -0.47
N SER A 244 12.30 4.99 -1.10
CA SER A 244 11.26 4.22 -1.83
C SER A 244 10.81 3.05 -0.97
N THR A 245 10.30 3.31 0.24
CA THR A 245 9.82 2.24 1.13
C THR A 245 8.28 2.26 1.20
N ILE A 246 7.64 1.13 0.90
CA ILE A 246 6.15 1.02 1.03
C ILE A 246 5.85 0.31 2.34
N GLN A 247 4.72 0.62 2.97
CA GLN A 247 4.41 0.04 4.29
C GLN A 247 2.91 -0.23 4.43
N LEU A 248 2.52 -1.40 4.92
CA LEU A 248 1.09 -1.68 5.21
C LEU A 248 0.86 -1.58 6.72
N SER A 249 -0.37 -1.86 7.17
CA SER A 249 -0.67 -1.81 8.62
C SER A 249 -1.10 -3.20 9.11
N ALA A 250 -0.97 -3.46 10.41
CA ALA A 250 -1.40 -4.76 10.99
C ALA A 250 -2.90 -4.94 10.75
N ASN A 251 -3.68 -3.85 10.80
CA ASN A 251 -5.15 -3.96 10.66
C ASN A 251 -5.50 -4.37 9.23
N THR A 252 -4.82 -3.78 8.24
CA THR A 252 -5.06 -4.13 6.81
C THR A 252 -4.88 -5.64 6.64
N LEU A 253 -3.80 -6.20 7.17
CA LEU A 253 -3.53 -7.67 7.08
C LEU A 253 -4.77 -8.43 7.55
N LYS A 254 -5.30 -8.06 8.73
CA LYS A 254 -6.48 -8.77 9.30
C LYS A 254 -7.69 -8.60 8.37
N GLN A 255 -7.86 -7.40 7.81
CA GLN A 255 -9.02 -7.11 6.93
C GLN A 255 -8.96 -8.02 5.69
N ASN A 256 -7.79 -8.07 5.04
CA ASN A 256 -7.66 -8.86 3.79
C ASN A 256 -7.30 -10.31 4.13
N GLY A 257 -7.58 -10.74 5.36
CA GLY A 257 -7.31 -12.14 5.76
C GLY A 257 -8.33 -13.11 5.19
N ARG A 258 -7.87 -14.31 4.78
CA ARG A 258 -8.78 -15.35 4.24
C ARG A 258 -8.46 -16.67 4.94
N ASN A 259 -9.36 -17.14 5.82
CA ASN A 259 -9.17 -18.45 6.50
C ASN A 259 -7.76 -18.51 7.12
N GLY A 260 -7.37 -17.50 7.90
CA GLY A 260 -6.06 -17.50 8.58
C GLY A 260 -4.91 -17.56 7.60
N GLU A 261 -5.01 -16.87 6.46
CA GLU A 261 -3.95 -16.88 5.42
C GLU A 261 -4.05 -15.62 4.57
N ILE A 262 -2.95 -14.91 4.37
CA ILE A 262 -2.97 -13.72 3.45
C ILE A 262 -1.73 -13.78 2.54
N ARG A 263 -1.93 -13.71 1.22
CA ARG A 263 -0.81 -13.76 0.26
C ARG A 263 -0.41 -12.33 -0.12
N VAL A 264 0.70 -11.83 0.43
CA VAL A 264 1.14 -10.42 0.16
C VAL A 264 2.33 -10.45 -0.81
N ALA A 265 2.46 -9.40 -1.63
CA ALA A 265 3.60 -9.33 -2.58
C ALA A 265 3.98 -7.87 -2.85
N PHE A 266 5.12 -7.41 -2.32
CA PHE A 266 5.59 -6.04 -2.62
C PHE A 266 6.70 -6.11 -3.67
N VAL A 267 6.81 -5.11 -4.55
CA VAL A 267 7.91 -5.10 -5.55
C VAL A 267 8.34 -3.66 -5.86
N LEU A 268 9.64 -3.37 -5.90
CA LEU A 268 10.18 -2.02 -6.21
C LEU A 268 10.93 -2.06 -7.54
N TYR A 269 10.54 -1.26 -8.53
CA TYR A 269 11.15 -1.35 -9.87
C TYR A 269 12.03 -0.13 -10.16
N ASN A 270 13.34 -0.33 -10.27
CA ASN A 270 14.24 0.78 -10.66
C ASN A 270 14.43 0.71 -12.18
N ASN A 271 14.38 1.85 -12.87
CA ASN A 271 14.61 1.91 -14.34
C ASN A 271 13.42 1.30 -15.11
N LEU A 272 12.19 1.52 -14.65
CA LEU A 272 11.00 1.08 -15.43
C LEU A 272 10.08 2.28 -15.60
N GLY A 273 9.98 3.12 -14.55
CA GLY A 273 9.08 4.28 -14.59
C GLY A 273 9.02 4.96 -15.95
N PRO A 274 10.13 5.49 -16.50
CA PRO A 274 10.06 6.28 -17.75
C PRO A 274 9.33 5.56 -18.88
N TYR A 275 9.46 4.23 -18.98
CA TYR A 275 8.81 3.47 -20.08
C TYR A 275 7.29 3.58 -19.95
N LEU A 276 6.77 3.81 -18.74
CA LEU A 276 5.31 4.02 -18.55
C LEU A 276 4.97 5.45 -19.01
N SER A 277 4.09 5.59 -20.00
CA SER A 277 3.76 6.91 -20.59
C SER A 277 2.78 7.69 -19.70
N THR A 278 2.79 9.02 -19.83
CA THR A 278 1.91 9.89 -19.01
C THR A 278 0.59 10.13 -19.74
N GLU A 279 -0.07 9.03 -20.10
CA GLU A 279 -1.37 9.14 -20.80
C GLU A 279 -2.47 9.46 -19.79
N ASN A 280 -3.27 10.48 -20.07
CA ASN A 280 -4.43 10.83 -19.24
C ASN A 280 -4.03 10.98 -17.77
N ALA A 281 -2.85 11.56 -17.54
CA ALA A 281 -2.37 11.77 -16.16
C ALA A 281 -3.34 12.72 -15.44
N SER A 282 -3.73 12.39 -14.21
CA SER A 282 -4.73 13.23 -13.49
C SER A 282 -4.05 14.13 -12.46
N MET A 283 -2.87 14.67 -12.77
CA MET A 283 -2.19 15.62 -11.84
C MET A 283 -3.05 16.88 -11.69
N LYS A 284 -3.18 17.40 -10.46
CA LYS A 284 -3.92 18.66 -10.23
C LYS A 284 -2.93 19.82 -10.17
N LEU A 285 -2.86 20.64 -11.22
CA LEU A 285 -1.87 21.75 -11.26
C LEU A 285 -2.42 22.99 -10.55
N GLY A 286 -1.58 24.02 -10.36
CA GLY A 286 -2.03 25.25 -9.69
C GLY A 286 -1.42 26.51 -10.28
N THR A 287 -1.33 27.59 -9.51
CA THR A 287 -0.77 28.84 -9.98
C THR A 287 0.67 28.67 -10.46
N GLU A 288 1.37 27.66 -9.95
CA GLU A 288 2.79 27.43 -10.33
C GLU A 288 2.91 27.22 -11.84
N ALA A 289 1.85 26.74 -12.50
CA ALA A 289 1.89 26.46 -13.93
C ALA A 289 2.07 27.76 -14.69
N LEU A 290 3.30 28.03 -15.16
CA LEU A 290 3.62 29.25 -15.86
C LEU A 290 4.48 28.99 -17.09
N SER A 291 4.36 27.79 -17.67
CA SER A 291 5.13 27.39 -18.82
C SER A 291 4.22 27.14 -20.00
N THR A 292 4.53 27.76 -21.15
CA THR A 292 3.76 27.52 -22.35
C THR A 292 4.00 26.13 -22.93
N ASN A 293 5.10 25.48 -22.54
CA ASN A 293 5.45 24.13 -22.99
C ASN A 293 5.69 23.23 -21.79
N HIS A 294 4.76 23.27 -20.83
CA HIS A 294 4.89 22.47 -19.62
C HIS A 294 4.91 20.99 -19.95
N SER A 295 5.78 20.27 -19.21
CA SER A 295 5.95 18.80 -19.41
C SER A 295 5.72 18.07 -18.08
N VAL A 296 5.41 16.77 -18.13
CA VAL A 296 5.24 15.97 -16.88
C VAL A 296 6.24 14.81 -16.88
N ILE A 297 6.73 14.40 -15.70
CA ILE A 297 7.79 13.34 -15.62
C ILE A 297 7.62 12.48 -14.36
N VAL A 298 7.67 11.16 -14.51
CA VAL A 298 7.55 10.25 -13.33
C VAL A 298 8.90 10.27 -12.61
N ASN A 299 9.14 11.30 -11.80
CA ASN A 299 10.45 11.47 -11.12
C ASN A 299 10.46 10.66 -9.81
N SER A 300 10.26 9.34 -9.91
CA SER A 300 10.17 8.49 -8.68
C SER A 300 10.19 7.00 -9.06
N PRO A 301 11.01 6.15 -8.39
CA PRO A 301 10.99 4.70 -8.64
C PRO A 301 9.59 4.11 -8.39
N VAL A 302 9.13 3.21 -9.27
CA VAL A 302 7.76 2.65 -9.12
C VAL A 302 7.73 1.63 -7.98
N ILE A 303 6.98 1.90 -6.91
CA ILE A 303 6.83 0.92 -5.80
C ILE A 303 5.46 0.25 -5.98
N THR A 304 5.36 -1.06 -5.72
CA THR A 304 4.09 -1.78 -6.01
C THR A 304 3.76 -2.75 -4.87
N ALA A 305 2.47 -2.91 -4.55
CA ALA A 305 2.05 -3.90 -3.54
C ALA A 305 0.71 -4.52 -3.95
N ALA A 306 0.57 -5.83 -3.77
CA ALA A 306 -0.70 -6.53 -4.14
C ALA A 306 -1.05 -7.53 -3.03
N ILE A 307 -2.35 -7.77 -2.79
CA ILE A 307 -2.74 -8.64 -1.64
C ILE A 307 -3.87 -9.59 -2.02
N ASN A 308 -3.85 -10.83 -1.51
CA ASN A 308 -4.97 -11.81 -1.68
C ASN A 308 -5.37 -11.96 -3.16
N LYS A 309 -4.41 -12.21 -4.06
CA LYS A 309 -4.74 -12.50 -5.48
C LYS A 309 -5.73 -11.45 -6.03
N GLU A 310 -5.42 -10.17 -5.88
CA GLU A 310 -6.28 -9.10 -6.47
C GLU A 310 -5.42 -8.26 -7.40
N PHE A 311 -5.72 -8.22 -8.69
CA PHE A 311 -4.84 -7.48 -9.63
C PHE A 311 -5.24 -6.02 -9.66
N SER A 312 -6.44 -5.72 -10.17
CA SER A 312 -6.95 -4.34 -10.24
C SER A 312 -8.46 -4.42 -10.04
N ASN A 313 -8.87 -4.34 -8.77
CA ASN A 313 -10.32 -4.41 -8.42
C ASN A 313 -10.61 -3.33 -7.37
N LYS A 314 -9.68 -2.39 -7.16
CA LYS A 314 -9.86 -1.28 -6.18
C LYS A 314 -10.28 -1.85 -4.82
N VAL A 315 -9.41 -2.63 -4.18
CA VAL A 315 -9.72 -3.16 -2.82
C VAL A 315 -9.41 -2.05 -1.81
N TYR A 316 -10.41 -1.59 -1.06
CA TYR A 316 -10.20 -0.47 -0.09
C TYR A 316 -9.50 -0.99 1.17
N LEU A 317 -8.61 -0.17 1.74
CA LEU A 317 -7.81 -0.61 2.93
C LEU A 317 -8.37 0.01 4.21
N ALA A 318 -8.38 -0.74 5.31
CA ALA A 318 -8.84 -0.20 6.60
C ALA A 318 -7.93 0.95 7.03
N ASP A 319 -6.61 0.78 6.92
CA ASP A 319 -5.63 1.84 7.27
C ASP A 319 -4.86 2.25 6.01
N PRO A 320 -4.46 3.53 5.85
CA PRO A 320 -3.79 3.99 4.63
C PRO A 320 -2.44 3.31 4.34
N VAL A 321 -2.01 3.32 3.08
CA VAL A 321 -0.68 2.75 2.70
C VAL A 321 0.26 3.92 2.34
N VAL A 322 1.43 4.00 3.00
CA VAL A 322 2.37 5.14 2.76
C VAL A 322 3.59 4.64 1.99
N PHE A 323 4.03 5.42 1.00
CA PHE A 323 5.24 5.04 0.22
C PHE A 323 6.16 6.27 0.10
N THR A 324 7.34 6.21 0.73
CA THR A 324 8.29 7.36 0.68
C THR A 324 9.14 7.27 -0.58
N VAL A 325 8.53 7.28 -1.76
CA VAL A 325 9.31 7.08 -3.02
C VAL A 325 10.35 8.19 -3.18
N LYS A 326 11.61 7.84 -3.47
CA LYS A 326 12.71 8.83 -3.61
C LYS A 326 12.55 9.62 -4.91
N HIS A 327 13.33 10.68 -5.09
CA HIS A 327 13.29 11.47 -6.36
C HIS A 327 14.39 10.96 -7.30
N ILE A 328 14.06 10.69 -8.56
CA ILE A 328 15.10 10.29 -9.56
C ILE A 328 16.02 11.48 -9.78
N LYS A 329 15.44 12.66 -10.00
CA LYS A 329 16.22 13.87 -10.25
C LYS A 329 15.84 14.90 -9.19
N GLN A 330 16.80 15.18 -8.29
CA GLN A 330 16.50 16.04 -7.13
C GLN A 330 17.09 17.43 -7.28
N SER A 331 16.35 18.34 -7.91
CA SER A 331 16.80 19.74 -7.93
C SER A 331 15.55 20.62 -7.91
N GLU A 332 15.73 21.94 -7.91
CA GLU A 332 14.58 22.88 -7.89
C GLU A 332 14.20 23.24 -9.33
N GLU A 333 13.92 22.25 -10.17
CA GLU A 333 13.42 22.51 -11.55
C GLU A 333 12.07 21.79 -11.65
N ASN A 334 11.72 20.98 -10.64
CA ASN A 334 10.41 20.27 -10.61
C ASN A 334 9.50 21.05 -9.67
N PHE A 335 8.76 22.02 -10.18
CA PHE A 335 7.95 22.94 -9.32
C PHE A 335 7.06 22.19 -8.30
N ASN A 336 6.06 21.43 -8.74
CA ASN A 336 5.11 20.83 -7.77
C ASN A 336 5.01 19.30 -7.90
N PRO A 337 4.72 18.56 -6.80
CA PRO A 337 4.51 17.12 -6.88
C PRO A 337 3.03 16.70 -6.87
N ASN A 338 2.73 15.49 -7.35
CA ASN A 338 1.33 14.95 -7.30
C ASN A 338 1.42 13.43 -7.35
N CYS A 339 1.04 12.74 -6.27
CA CYS A 339 1.21 11.26 -6.21
C CYS A 339 0.16 10.56 -7.09
N SER A 340 0.54 9.50 -7.77
CA SER A 340 -0.39 8.82 -8.73
C SER A 340 -0.35 7.30 -8.58
N PHE A 341 -1.26 6.60 -9.27
CA PHE A 341 -1.25 5.11 -9.27
C PHE A 341 -1.58 4.64 -10.70
N TRP A 342 -1.01 3.50 -11.11
CA TRP A 342 -1.22 3.02 -12.51
C TRP A 342 -2.41 2.05 -12.56
N SER A 343 -3.51 2.45 -13.20
CA SER A 343 -4.65 1.57 -13.38
C SER A 343 -4.69 1.07 -14.81
N TYR A 344 -4.80 -0.25 -14.97
CA TYR A 344 -4.76 -0.85 -16.32
C TYR A 344 -5.85 -1.92 -16.44
N SER A 345 -6.49 -2.00 -17.60
CA SER A 345 -7.50 -3.07 -17.83
C SER A 345 -6.76 -4.33 -18.28
N LYS A 346 -6.87 -5.42 -17.52
CA LYS A 346 -6.16 -6.68 -17.85
C LYS A 346 -6.44 -7.07 -19.31
N ARG A 347 -7.69 -6.91 -19.76
CA ARG A 347 -8.08 -7.33 -21.15
C ARG A 347 -7.23 -6.61 -22.19
N THR A 348 -7.11 -5.28 -22.10
CA THR A 348 -6.38 -4.51 -23.14
C THR A 348 -4.91 -4.31 -22.75
N MET A 349 -4.54 -4.62 -21.50
CA MET A 349 -3.15 -4.40 -21.00
C MET A 349 -2.73 -2.95 -21.24
N THR A 350 -3.70 -2.05 -21.46
CA THR A 350 -3.38 -0.60 -21.62
C THR A 350 -3.87 0.13 -20.37
N GLY A 351 -3.08 1.07 -19.86
CA GLY A 351 -3.45 1.75 -18.61
C GLY A 351 -3.21 3.24 -18.65
N TYR A 352 -3.24 3.90 -17.48
CA TYR A 352 -3.07 5.34 -17.40
C TYR A 352 -2.86 5.74 -15.95
N TRP A 353 -2.24 6.91 -15.75
CA TRP A 353 -1.92 7.37 -14.38
C TRP A 353 -3.15 8.03 -13.75
N SER A 354 -3.53 7.60 -12.55
CA SER A 354 -4.70 8.19 -11.85
C SER A 354 -4.30 8.62 -10.44
N THR A 355 -4.73 9.81 -9.99
CA THR A 355 -4.44 10.25 -8.60
C THR A 355 -5.66 9.94 -7.73
N GLN A 356 -6.60 9.14 -8.23
CA GLN A 356 -7.85 8.84 -7.48
C GLN A 356 -7.53 8.06 -6.20
N GLY A 357 -8.05 8.52 -5.05
CA GLY A 357 -7.84 7.80 -3.79
C GLY A 357 -6.46 8.01 -3.19
N CYS A 358 -5.63 8.84 -3.83
CA CYS A 358 -4.24 9.08 -3.35
C CYS A 358 -4.02 10.58 -3.13
N ARG A 359 -3.49 10.97 -1.97
CA ARG A 359 -3.27 12.40 -1.66
C ARG A 359 -1.84 12.63 -1.18
N LEU A 360 -1.15 13.64 -1.72
CA LEU A 360 0.23 13.97 -1.29
C LEU A 360 0.24 14.25 0.21
N LEU A 361 1.19 13.67 0.95
CA LEU A 361 1.28 14.03 2.40
C LEU A 361 2.29 15.17 2.55
N THR A 362 3.59 14.84 2.46
CA THR A 362 4.67 15.86 2.60
C THR A 362 5.67 15.67 1.45
N THR A 363 6.39 16.72 1.08
CA THR A 363 7.33 16.63 -0.07
C THR A 363 8.62 17.40 0.22
N ASN A 364 9.75 16.98 -0.36
CA ASN A 364 11.01 17.76 -0.22
C ASN A 364 11.97 17.36 -1.36
N LYS A 365 13.24 17.71 -1.24
CA LYS A 365 14.21 17.45 -2.34
C LYS A 365 14.51 15.95 -2.47
N THR A 366 14.75 15.26 -1.35
CA THR A 366 15.18 13.83 -1.41
C THR A 366 13.99 12.89 -1.64
N HIS A 367 12.97 12.92 -0.77
CA HIS A 367 11.86 11.94 -0.91
C HIS A 367 10.49 12.63 -0.99
N THR A 368 9.42 11.85 -1.03
CA THR A 368 8.02 12.40 -1.01
C THR A 368 7.09 11.29 -0.51
N THR A 369 6.40 11.51 0.62
CA THR A 369 5.52 10.46 1.18
C THR A 369 4.10 10.68 0.67
N CYS A 370 3.43 9.62 0.24
CA CYS A 370 2.03 9.73 -0.27
C CYS A 370 1.10 8.77 0.50
N SER A 371 -0.16 9.16 0.68
CA SER A 371 -1.14 8.28 1.37
C SER A 371 -2.24 7.86 0.40
N CYS A 372 -2.38 6.56 0.15
CA CYS A 372 -3.46 6.06 -0.74
C CYS A 372 -4.48 5.25 0.07
N ASN A 373 -5.67 5.04 -0.49
CA ASN A 373 -6.75 4.30 0.24
C ASN A 373 -6.93 2.89 -0.32
N HIS A 374 -6.25 2.55 -1.43
CA HIS A 374 -6.46 1.24 -2.08
C HIS A 374 -5.12 0.52 -2.32
N LEU A 375 -5.17 -0.78 -2.62
CA LEU A 375 -3.92 -1.56 -2.90
C LEU A 375 -4.20 -2.58 -4.01
N THR B 1 -0.86 -2.93 -7.08
CA THR B 1 -1.11 -1.62 -7.72
C THR B 1 0.19 -0.81 -7.78
N ASN B 2 0.56 -0.33 -8.96
CA ASN B 2 1.84 0.43 -9.13
C ASN B 2 1.67 1.86 -8.58
N PHE B 3 2.61 2.31 -7.75
CA PHE B 3 2.50 3.66 -7.13
C PHE B 3 3.76 4.47 -7.44
N ALA B 4 3.60 5.75 -7.76
CA ALA B 4 4.76 6.65 -8.03
C ALA B 4 4.29 8.11 -7.99
N VAL B 5 5.23 9.06 -8.07
CA VAL B 5 4.88 10.51 -8.03
C VAL B 5 5.08 11.12 -9.42
N LEU B 6 4.07 11.80 -9.95
CA LEU B 6 4.20 12.50 -11.26
C LEU B 6 4.61 13.95 -10.97
N MET B 7 5.73 14.40 -11.54
CA MET B 7 6.23 15.78 -11.28
C MET B 7 6.21 16.60 -12.56
N ALA B 8 6.76 17.81 -12.49
CA ALA B 8 6.85 18.70 -13.66
C ALA B 8 8.33 18.89 -14.03
N HIS B 9 8.62 19.65 -15.09
CA HIS B 9 10.02 19.89 -15.55
C HIS B 9 10.00 21.16 -16.39
N VAL B 10 9.67 22.31 -15.79
CA VAL B 10 9.47 23.56 -16.57
C VAL B 10 10.60 23.80 -17.56
N GLU B 11 10.26 24.00 -18.84
CA GLU B 11 11.25 24.27 -19.92
C GLU B 11 10.78 25.49 -20.71
N ILE C 3 -2.87 -7.66 24.08
CA ILE C 3 -2.00 -6.63 24.70
C ILE C 3 -2.71 -6.06 25.93
N GLN C 4 -1.96 -5.84 27.02
CA GLN C 4 -2.55 -5.24 28.25
C GLN C 4 -1.49 -4.33 28.90
N MET C 5 -1.93 -3.25 29.55
CA MET C 5 -0.98 -2.30 30.19
C MET C 5 -1.31 -2.09 31.66
N THR C 6 -0.43 -1.41 32.40
CA THR C 6 -0.68 -1.09 33.83
C THR C 6 -0.23 0.36 34.07
N GLN C 7 -0.86 1.09 34.98
CA GLN C 7 -0.52 2.52 35.15
C GLN C 7 -0.35 2.82 36.64
N SER C 8 0.88 2.72 37.17
CA SER C 8 1.14 2.96 38.60
C SER C 8 2.07 4.17 38.75
N PRO C 9 2.03 4.94 39.87
CA PRO C 9 0.96 4.86 40.88
C PRO C 9 -0.40 5.30 40.33
N SER C 10 -1.49 4.88 40.96
CA SER C 10 -2.82 5.32 40.51
C SER C 10 -3.21 6.63 41.21
N SER C 11 -2.39 7.10 42.16
CA SER C 11 -2.71 8.35 42.91
C SER C 11 -1.43 9.08 43.32
N LEU C 12 -1.49 10.42 43.40
CA LEU C 12 -0.33 11.23 43.86
C LEU C 12 -0.79 12.65 44.24
N SER C 13 0.07 13.47 44.87
CA SER C 13 -0.23 14.91 45.19
C SER C 13 1.01 15.71 44.85
N ALA C 14 1.40 15.66 43.59
CA ALA C 14 2.64 16.36 43.18
C ALA C 14 2.44 17.82 43.52
N SER C 15 3.47 18.52 43.98
CA SER C 15 3.24 19.94 44.40
C SER C 15 3.21 20.87 43.18
N VAL C 16 2.67 22.07 43.33
CA VAL C 16 2.66 23.04 42.20
C VAL C 16 4.09 23.29 41.74
N GLY C 17 4.44 22.90 40.50
CA GLY C 17 5.77 23.18 39.93
C GLY C 17 6.72 21.99 39.96
N ASP C 18 6.40 20.96 40.75
CA ASP C 18 7.30 19.79 40.89
C ASP C 18 7.02 18.79 39.77
N ARG C 19 7.61 17.59 39.80
CA ARG C 19 7.50 16.67 38.63
C ARG C 19 6.54 15.52 38.86
N VAL C 20 5.85 15.09 37.81
CA VAL C 20 4.98 13.87 37.88
C VAL C 20 5.57 12.88 36.89
N THR C 21 5.64 11.59 37.25
CA THR C 21 6.15 10.55 36.32
C THR C 21 5.22 9.34 36.34
N ILE C 22 4.28 9.29 35.40
CA ILE C 22 3.34 8.13 35.31
C ILE C 22 3.88 7.14 34.28
N THR C 23 4.15 5.91 34.70
CA THR C 23 4.74 4.90 33.78
C THR C 23 3.61 4.12 33.09
N CYS C 24 3.96 3.08 32.33
CA CYS C 24 2.92 2.23 31.69
C CYS C 24 3.49 0.88 31.27
N ARG C 25 3.58 -0.06 32.19
CA ARG C 25 4.16 -1.40 31.86
C ARG C 25 3.43 -1.95 30.64
N ALA C 26 4.14 -2.14 29.54
CA ALA C 26 3.52 -2.77 28.35
C ALA C 26 3.86 -4.25 28.34
N SER C 27 2.87 -5.11 28.58
CA SER C 27 3.09 -6.59 28.60
C SER C 27 3.86 -7.04 27.35
N GLN C 28 3.41 -6.62 26.16
CA GLN C 28 4.06 -7.08 24.89
C GLN C 28 4.86 -5.91 24.28
N SER C 29 5.96 -6.22 23.61
CA SER C 29 6.81 -5.17 22.99
C SER C 29 6.01 -4.43 21.91
N VAL C 30 5.57 -3.20 22.21
CA VAL C 30 4.84 -2.38 21.20
C VAL C 30 5.72 -1.18 20.86
N SER C 31 6.24 -1.11 19.63
CA SER C 31 7.14 0.00 19.21
C SER C 31 6.37 1.31 19.27
N SER C 32 6.70 2.17 20.23
CA SER C 32 5.95 3.43 20.41
C SER C 32 4.44 3.13 20.43
N ALA C 33 3.66 3.84 19.61
CA ALA C 33 2.22 3.58 19.47
C ALA C 33 1.50 3.55 20.83
N VAL C 34 1.77 4.52 21.69
CA VAL C 34 1.06 4.63 23.00
C VAL C 34 0.79 6.11 23.24
N ALA C 35 -0.44 6.48 23.59
CA ALA C 35 -0.78 7.92 23.73
C ALA C 35 -1.41 8.19 25.09
N TRP C 36 -1.09 9.33 25.69
CA TRP C 36 -1.63 9.58 27.04
C TRP C 36 -2.80 10.56 26.89
N TYR C 37 -3.95 10.21 27.47
CA TYR C 37 -5.14 11.11 27.41
C TYR C 37 -5.42 11.70 28.78
N GLN C 38 -5.90 12.95 28.82
CA GLN C 38 -6.20 13.63 30.12
C GLN C 38 -7.70 13.91 30.21
N GLN C 39 -8.40 13.28 31.16
CA GLN C 39 -9.87 13.48 31.29
C GLN C 39 -10.15 14.41 32.47
N LYS C 40 -10.35 15.69 32.20
CA LYS C 40 -10.66 16.65 33.29
C LYS C 40 -11.94 16.16 33.99
N PRO C 41 -12.01 16.14 35.34
CA PRO C 41 -13.18 15.58 36.04
C PRO C 41 -14.51 16.10 35.47
N GLY C 42 -15.37 15.19 35.00
CA GLY C 42 -16.70 15.58 34.47
C GLY C 42 -16.64 16.14 33.06
N LYS C 43 -15.53 15.92 32.34
CA LYS C 43 -15.36 16.46 30.97
C LYS C 43 -14.96 15.34 30.01
N ALA C 44 -14.52 15.70 28.80
CA ALA C 44 -14.12 14.69 27.79
C ALA C 44 -12.59 14.52 27.79
N PRO C 45 -12.06 13.28 27.69
CA PRO C 45 -10.62 13.06 27.62
C PRO C 45 -9.99 13.79 26.43
N LYS C 46 -8.89 14.52 26.63
CA LYS C 46 -8.27 15.18 25.47
C LYS C 46 -6.96 14.48 25.12
N LEU C 47 -6.47 14.66 23.90
CA LEU C 47 -5.18 14.04 23.47
C LEU C 47 -4.01 14.86 24.01
N LEU C 48 -3.01 14.22 24.60
CA LEU C 48 -1.87 14.94 25.21
C LEU C 48 -0.60 14.60 24.43
N ILE C 49 -0.23 13.32 24.38
CA ILE C 49 0.99 12.88 23.64
C ILE C 49 0.55 11.88 22.57
N TYR C 50 1.19 11.87 21.39
CA TYR C 50 0.87 10.84 20.36
C TYR C 50 2.10 9.97 20.11
N SER C 51 1.97 8.65 20.30
CA SER C 51 3.07 7.68 20.00
C SER C 51 4.22 7.83 21.01
N ALA C 52 3.92 8.25 22.25
CA ALA C 52 4.95 8.35 23.32
C ALA C 52 6.21 9.03 22.76
N SER C 53 6.06 10.14 22.03
CA SER C 53 7.22 10.83 21.42
C SER C 53 7.08 12.34 21.58
N SER C 54 6.10 12.94 20.87
CA SER C 54 5.92 14.42 20.90
C SER C 54 4.50 14.77 21.34
N LEU C 55 4.32 15.95 21.95
CA LEU C 55 2.97 16.41 22.38
C LEU C 55 2.19 16.91 21.16
N TYR C 56 0.86 16.84 21.22
CA TYR C 56 0.00 17.26 20.08
C TYR C 56 -0.08 18.79 20.01
N SER C 57 -0.18 19.33 18.79
CA SER C 57 -0.27 20.80 18.60
C SER C 57 -1.37 21.38 19.48
N GLY C 58 -1.05 22.42 20.26
CA GLY C 58 -2.05 23.07 21.13
C GLY C 58 -1.88 22.70 22.60
N VAL C 59 -1.18 21.60 22.88
CA VAL C 59 -0.98 21.14 24.28
C VAL C 59 0.20 21.90 24.90
N PRO C 60 0.07 22.43 26.15
CA PRO C 60 1.16 23.13 26.83
C PRO C 60 2.49 22.35 26.71
N SER C 61 3.59 23.06 26.45
CA SER C 61 4.90 22.39 26.25
C SER C 61 5.45 21.85 27.58
N ARG C 62 4.75 22.09 28.68
CA ARG C 62 5.19 21.63 30.02
C ARG C 62 5.34 20.10 30.02
N PHE C 63 4.47 19.40 29.30
CA PHE C 63 4.48 17.92 29.29
C PHE C 63 5.63 17.40 28.41
N SER C 64 5.86 16.09 28.43
CA SER C 64 6.90 15.48 27.57
C SER C 64 6.77 13.96 27.58
N GLY C 65 6.64 13.36 26.40
CA GLY C 65 6.52 11.89 26.32
C GLY C 65 7.87 11.25 26.08
N SER C 66 8.15 10.14 26.77
CA SER C 66 9.45 9.42 26.61
C SER C 66 9.19 7.92 26.48
N ARG C 67 10.17 7.17 25.97
CA ARG C 67 9.93 5.72 25.77
C ARG C 67 11.23 4.97 26.03
N SER C 68 11.19 3.97 26.90
CA SER C 68 12.35 3.15 27.23
C SER C 68 12.35 1.82 26.48
N GLY C 69 11.40 1.63 25.56
CA GLY C 69 11.31 0.37 24.80
C GLY C 69 10.14 -0.48 25.29
N THR C 70 9.96 -0.54 26.61
CA THR C 70 8.82 -1.27 27.19
C THR C 70 8.07 -0.48 28.25
N ASP C 71 8.69 0.49 28.89
CA ASP C 71 7.90 1.26 29.89
C ASP C 71 7.72 2.69 29.38
N PHE C 72 6.54 3.01 28.85
CA PHE C 72 6.25 4.37 28.35
C PHE C 72 6.01 5.29 29.55
N THR C 73 6.54 6.52 29.51
CA THR C 73 6.43 7.43 30.68
C THR C 73 6.00 8.83 30.26
N LEU C 74 5.33 9.55 31.16
CA LEU C 74 4.87 10.93 30.90
C LEU C 74 5.40 11.82 32.03
N THR C 75 5.88 13.01 31.70
CA THR C 75 6.39 13.93 32.74
C THR C 75 5.74 15.31 32.56
N ILE C 76 4.97 15.78 33.55
CA ILE C 76 4.39 17.16 33.52
C ILE C 76 5.43 18.06 34.20
N SER C 77 6.14 18.90 33.45
CA SER C 77 7.30 19.62 34.03
C SER C 77 6.96 20.33 35.33
N SER C 78 5.77 20.87 35.44
CA SER C 78 5.42 21.63 36.66
C SER C 78 3.90 21.67 36.74
N LEU C 79 3.32 21.29 37.87
CA LEU C 79 1.85 21.19 37.91
C LEU C 79 1.23 22.58 38.02
N GLN C 80 1.03 23.27 36.88
CA GLN C 80 0.31 24.56 36.91
C GLN C 80 -1.06 24.22 37.52
N PRO C 81 -1.52 24.86 38.62
CA PRO C 81 -2.73 24.41 39.32
C PRO C 81 -3.99 24.20 38.46
N GLU C 82 -3.93 24.50 37.16
CA GLU C 82 -5.08 24.25 36.27
C GLU C 82 -4.85 22.95 35.49
N ASP C 83 -4.20 21.97 36.11
CA ASP C 83 -3.84 20.72 35.40
C ASP C 83 -3.98 19.51 36.33
N PHE C 84 -4.88 19.58 37.30
CA PHE C 84 -5.14 18.42 38.19
C PHE C 84 -6.29 17.59 37.61
N ALA C 85 -5.99 16.41 37.07
CA ALA C 85 -7.03 15.55 36.45
C ALA C 85 -6.57 14.09 36.42
N THR C 86 -7.32 13.22 35.74
CA THR C 86 -6.96 11.78 35.61
C THR C 86 -6.25 11.52 34.29
N TYR C 87 -4.99 11.06 34.35
CA TYR C 87 -4.22 10.74 33.11
C TYR C 87 -4.36 9.25 32.80
N TYR C 88 -4.50 8.91 31.52
CA TYR C 88 -4.65 7.49 31.08
C TYR C 88 -3.50 7.07 30.17
N CYS C 89 -3.41 5.79 29.82
CA CYS C 89 -2.33 5.26 28.93
C CYS C 89 -2.97 4.32 27.92
N GLN C 90 -3.05 4.70 26.64
CA GLN C 90 -3.78 3.86 25.66
C GLN C 90 -2.85 3.32 24.58
N GLN C 91 -2.94 2.02 24.28
CA GLN C 91 -2.14 1.44 23.16
C GLN C 91 -2.83 1.83 21.85
N SER C 92 -2.16 2.63 21.03
CA SER C 92 -2.78 3.11 19.77
C SER C 92 -2.07 2.47 18.57
N GLY C 93 -1.54 1.26 18.75
CA GLY C 93 -0.84 0.57 17.67
C GLY C 93 -1.79 -0.19 16.76
N GLN C 94 -2.64 -1.04 17.35
CA GLN C 94 -3.56 -1.88 16.54
C GLN C 94 -4.79 -2.25 17.37
N TYR C 95 -5.85 -2.73 16.70
CA TYR C 95 -7.10 -3.16 17.40
C TYR C 95 -6.84 -4.52 18.06
N PRO C 96 -6.94 -4.64 19.41
CA PRO C 96 -7.86 -3.85 20.22
C PRO C 96 -7.23 -2.61 20.90
N LEU C 97 -7.92 -1.46 20.81
CA LEU C 97 -7.40 -0.20 21.40
C LEU C 97 -7.60 -0.23 22.92
N THR C 98 -6.81 -1.05 23.62
CA THR C 98 -6.96 -1.22 25.09
C THR C 98 -6.46 0.02 25.83
N PHE C 99 -6.96 0.26 27.04
CA PHE C 99 -6.55 1.44 27.83
C PHE C 99 -5.82 0.99 29.11
N GLY C 100 -5.64 1.89 30.07
CA GLY C 100 -4.98 1.56 31.32
C GLY C 100 -5.86 1.80 32.53
N GLN C 101 -5.28 1.60 33.72
CA GLN C 101 -6.06 1.80 34.96
C GLN C 101 -6.38 3.29 35.11
N GLY C 102 -5.37 4.16 34.99
CA GLY C 102 -5.61 5.61 35.19
C GLY C 102 -4.91 6.15 36.43
N THR C 103 -4.09 7.20 36.26
CA THR C 103 -3.45 7.85 37.43
C THR C 103 -4.15 9.18 37.69
N LYS C 104 -4.19 9.65 38.94
CA LYS C 104 -4.95 10.87 39.26
C LYS C 104 -4.04 11.91 39.92
N VAL C 105 -3.67 12.95 39.18
CA VAL C 105 -2.85 14.04 39.77
C VAL C 105 -3.80 14.92 40.59
N GLU C 106 -3.74 14.84 41.91
CA GLU C 106 -4.68 15.60 42.77
C GLU C 106 -3.92 16.22 43.95
N ILE C 107 -3.44 17.46 43.78
CA ILE C 107 -2.72 18.15 44.89
C ILE C 107 -3.55 18.02 46.17
N VAL D 5 -16.86 22.53 14.75
CA VAL D 5 -16.74 21.04 14.86
C VAL D 5 -17.55 20.58 16.08
N GLN D 6 -18.64 19.83 15.85
CA GLN D 6 -19.49 19.34 16.96
C GLN D 6 -19.76 17.84 16.77
N LEU D 7 -19.88 17.09 17.87
CA LEU D 7 -20.20 15.64 17.80
C LEU D 7 -21.30 15.32 18.81
N VAL D 8 -22.42 16.05 18.78
CA VAL D 8 -23.50 15.83 19.77
C VAL D 8 -24.03 14.41 19.65
N GLU D 9 -24.12 13.68 20.77
CA GLU D 9 -24.65 12.29 20.73
C GLU D 9 -25.91 12.19 21.61
N SER D 10 -26.91 11.42 21.15
CA SER D 10 -28.19 11.31 21.89
C SER D 10 -28.75 9.89 21.78
N GLY D 11 -29.71 9.53 22.64
CA GLY D 11 -30.35 8.19 22.53
C GLY D 11 -30.22 7.41 23.82
N GLY D 12 -30.56 8.02 24.96
CA GLY D 12 -30.38 7.34 26.26
C GLY D 12 -31.68 7.10 26.99
N GLY D 13 -31.59 6.72 28.27
CA GLY D 13 -32.79 6.48 29.08
C GLY D 13 -32.85 5.07 29.62
N LEU D 14 -33.88 4.76 30.41
CA LEU D 14 -34.01 3.41 31.03
C LEU D 14 -34.44 2.40 29.96
N VAL D 15 -33.84 1.20 29.97
CA VAL D 15 -34.25 0.12 29.02
C VAL D 15 -34.22 -1.21 29.77
N GLN D 16 -35.38 -1.87 29.88
CA GLN D 16 -35.44 -3.19 30.56
C GLN D 16 -34.38 -4.13 29.96
N PRO D 17 -33.78 -5.06 30.73
CA PRO D 17 -32.71 -5.93 30.24
C PRO D 17 -33.11 -6.70 28.98
N GLY D 18 -32.12 -6.99 28.11
CA GLY D 18 -32.40 -7.72 26.86
C GLY D 18 -33.32 -6.93 25.95
N GLY D 19 -33.20 -5.60 25.96
CA GLY D 19 -34.00 -4.75 25.06
C GLY D 19 -33.20 -4.32 23.85
N SER D 20 -33.61 -3.21 23.22
CA SER D 20 -32.89 -2.73 22.05
C SER D 20 -32.92 -1.21 22.02
N LEU D 21 -31.77 -0.60 21.72
CA LEU D 21 -31.69 0.88 21.67
C LEU D 21 -30.89 1.28 20.42
N ARG D 22 -30.91 2.56 20.09
CA ARG D 22 -30.20 3.01 18.86
C ARG D 22 -29.57 4.38 19.14
N LEU D 23 -28.24 4.43 19.05
CA LEU D 23 -27.53 5.68 19.37
C LEU D 23 -27.42 6.57 18.13
N SER D 24 -27.38 7.89 18.32
CA SER D 24 -27.16 8.84 17.20
C SER D 24 -25.95 9.71 17.53
N CYS D 25 -25.25 10.22 16.51
CA CYS D 25 -24.11 11.15 16.75
C CYS D 25 -23.98 12.11 15.57
N ALA D 26 -24.70 13.23 15.60
CA ALA D 26 -24.66 14.20 14.49
C ALA D 26 -23.31 14.92 14.48
N ALA D 27 -22.59 14.83 13.36
CA ALA D 27 -21.28 15.50 13.26
C ALA D 27 -21.42 16.73 12.35
N SER D 28 -21.14 17.92 12.88
CA SER D 28 -21.19 19.14 12.03
C SER D 28 -19.80 19.78 11.95
N GLY D 29 -19.50 20.49 10.86
CA GLY D 29 -18.19 21.16 10.72
C GLY D 29 -17.18 20.28 10.01
N PHE D 30 -17.48 18.98 9.86
CA PHE D 30 -16.58 18.04 9.14
C PHE D 30 -17.39 16.87 8.57
N ASN D 31 -16.83 16.17 7.57
CA ASN D 31 -17.56 15.03 6.93
C ASN D 31 -17.05 13.72 7.51
N ILE D 32 -17.94 12.76 7.74
CA ILE D 32 -17.54 11.45 8.32
C ILE D 32 -17.17 10.48 7.19
N SER D 33 -17.20 10.92 5.93
CA SER D 33 -16.76 10.04 4.85
C SER D 33 -15.25 9.90 4.80
N SER D 34 -14.53 10.88 5.33
CA SER D 34 -13.04 10.87 5.27
C SER D 34 -12.45 10.94 6.66
N SER D 35 -13.28 10.80 7.70
CA SER D 35 -12.79 10.81 9.09
C SER D 35 -13.29 9.55 9.82
N TYR D 36 -12.46 8.98 10.69
CA TYR D 36 -12.85 7.78 11.46
C TYR D 36 -13.96 8.10 12.44
N ILE D 37 -14.54 7.06 13.03
CA ILE D 37 -15.57 7.19 14.06
C ILE D 37 -15.29 6.16 15.14
N HIS D 38 -15.33 6.55 16.41
CA HIS D 38 -14.97 5.57 17.47
C HIS D 38 -15.96 5.70 18.62
N TRP D 39 -16.42 4.58 19.18
CA TRP D 39 -17.33 4.69 20.35
C TRP D 39 -16.58 4.23 21.62
N VAL D 40 -16.50 5.09 22.63
CA VAL D 40 -15.82 4.75 23.90
C VAL D 40 -16.78 5.04 25.06
N ARG D 41 -17.07 4.04 25.89
CA ARG D 41 -18.04 4.22 27.00
C ARG D 41 -17.32 4.40 28.32
N GLN D 42 -18.03 4.82 29.36
CA GLN D 42 -17.41 5.01 30.70
C GLN D 42 -18.43 4.63 31.78
N ALA D 43 -18.34 3.41 32.31
CA ALA D 43 -19.33 2.93 33.31
C ALA D 43 -19.20 3.75 34.60
N PRO D 44 -20.29 3.94 35.38
CA PRO D 44 -20.24 4.69 36.63
C PRO D 44 -19.02 4.31 37.50
N GLY D 45 -18.17 5.29 37.82
CA GLY D 45 -16.99 5.04 38.67
C GLY D 45 -16.06 4.00 38.07
N LYS D 46 -15.78 4.08 36.76
CA LYS D 46 -14.84 3.14 36.10
C LYS D 46 -13.98 3.89 35.09
N GLY D 47 -13.42 3.18 34.10
CA GLY D 47 -12.51 3.82 33.13
C GLY D 47 -13.04 3.76 31.71
N LEU D 48 -12.50 4.62 30.83
CA LEU D 48 -12.93 4.62 29.41
C LEU D 48 -12.70 3.23 28.81
N GLU D 49 -13.71 2.67 28.14
CA GLU D 49 -13.59 1.31 27.55
C GLU D 49 -14.01 1.37 26.08
N TRP D 50 -13.22 0.77 25.19
CA TRP D 50 -13.52 0.79 23.73
C TRP D 50 -14.74 -0.09 23.43
N VAL D 51 -15.64 0.39 22.56
CA VAL D 51 -16.87 -0.38 22.21
C VAL D 51 -16.77 -0.84 20.74
N ALA D 52 -16.63 0.11 19.80
CA ALA D 52 -16.60 -0.26 18.37
C ALA D 52 -15.83 0.77 17.54
N SER D 53 -15.78 0.60 16.22
CA SER D 53 -15.03 1.53 15.32
C SER D 53 -15.39 1.25 13.85
N ILE D 54 -15.40 2.27 12.98
CA ILE D 54 -15.68 2.04 11.58
C ILE D 54 -14.68 2.83 10.74
N SER D 55 -14.08 2.16 9.76
CA SER D 55 -13.27 2.86 8.77
C SER D 55 -14.20 3.62 7.82
N PRO D 56 -13.96 4.92 7.53
CA PRO D 56 -14.90 5.71 6.71
C PRO D 56 -14.88 5.42 5.21
N TYR D 57 -13.87 4.69 4.72
CA TYR D 57 -13.77 4.38 3.27
C TYR D 57 -14.04 2.89 3.03
N SER D 58 -13.78 2.03 4.04
CA SER D 58 -13.93 0.57 3.83
C SER D 58 -15.12 0.01 4.62
N GLY D 59 -15.63 0.74 5.62
CA GLY D 59 -16.69 0.20 6.43
C GLY D 59 -16.27 -0.97 7.29
N TYR D 60 -14.96 -1.10 7.53
CA TYR D 60 -14.43 -2.21 8.37
C TYR D 60 -14.86 -2.02 9.82
N THR D 61 -15.63 -2.97 10.36
CA THR D 61 -16.14 -2.89 11.71
C THR D 61 -15.40 -3.87 12.61
N SER D 62 -15.18 -3.44 13.86
CA SER D 62 -14.44 -4.27 14.83
C SER D 62 -14.94 -3.93 16.23
N TYR D 63 -15.59 -4.88 16.90
CA TYR D 63 -16.17 -4.61 18.24
C TYR D 63 -15.29 -5.26 19.30
N ALA D 64 -15.19 -4.65 20.48
CA ALA D 64 -14.45 -5.30 21.59
C ALA D 64 -15.14 -6.62 21.92
N ASP D 65 -14.40 -7.63 22.37
CA ASP D 65 -15.01 -8.96 22.60
C ASP D 65 -16.22 -8.81 23.52
N SER D 66 -16.22 -7.79 24.38
CA SER D 66 -17.33 -7.59 25.35
C SER D 66 -18.66 -7.40 24.63
N VAL D 67 -18.66 -6.71 23.48
CA VAL D 67 -19.94 -6.39 22.78
C VAL D 67 -20.00 -7.10 21.42
N LYS D 68 -19.33 -8.25 21.28
CA LYS D 68 -19.30 -8.93 19.96
C LYS D 68 -20.71 -9.36 19.57
N GLY D 69 -21.14 -9.05 18.34
CA GLY D 69 -22.46 -9.51 17.85
C GLY D 69 -23.62 -8.68 18.40
N ARG D 70 -23.76 -8.61 19.73
CA ARG D 70 -24.94 -7.90 20.30
C ARG D 70 -24.93 -6.44 19.84
N PHE D 71 -23.74 -5.87 19.58
CA PHE D 71 -23.64 -4.46 19.12
C PHE D 71 -23.22 -4.44 17.66
N THR D 72 -23.84 -3.56 16.86
CA THR D 72 -23.51 -3.41 15.42
C THR D 72 -23.38 -1.92 15.09
N ILE D 73 -22.17 -1.47 14.76
CA ILE D 73 -21.97 -0.01 14.53
C ILE D 73 -22.25 0.32 13.06
N SER D 74 -23.00 1.39 12.79
CA SER D 74 -23.28 1.81 11.43
C SER D 74 -22.73 3.22 11.22
N ALA D 75 -22.40 3.54 9.98
CA ALA D 75 -21.86 4.84 9.60
C ALA D 75 -22.61 5.32 8.36
N ASP D 76 -23.61 6.18 8.57
CA ASP D 76 -24.41 6.72 7.43
C ASP D 76 -23.86 8.10 7.07
N THR D 77 -22.83 8.15 6.22
CA THR D 77 -22.22 9.44 5.83
C THR D 77 -23.26 10.30 5.10
N SER D 78 -24.32 9.69 4.59
CA SER D 78 -25.36 10.44 3.83
C SER D 78 -25.93 11.57 4.69
N LYS D 79 -26.23 11.30 5.97
CA LYS D 79 -26.85 12.33 6.83
C LYS D 79 -25.81 12.90 7.79
N ASN D 80 -24.51 12.67 7.52
CA ASN D 80 -23.41 13.12 8.40
C ASN D 80 -23.71 12.69 9.84
N THR D 81 -24.20 11.46 10.03
CA THR D 81 -24.55 10.95 11.37
C THR D 81 -23.99 9.55 11.62
N ALA D 82 -23.53 9.28 12.83
CA ALA D 82 -23.04 7.93 13.18
C ALA D 82 -24.06 7.26 14.10
N TYR D 83 -24.22 5.94 14.01
CA TYR D 83 -25.21 5.21 14.82
C TYR D 83 -24.57 3.98 15.45
N LEU D 84 -24.89 3.69 16.70
CA LEU D 84 -24.38 2.45 17.34
C LEU D 84 -25.60 1.66 17.82
N GLN D 85 -26.12 0.76 16.97
CA GLN D 85 -27.36 0.04 17.33
C GLN D 85 -27.06 -0.94 18.47
N MET D 86 -27.89 -0.95 19.51
CA MET D 86 -27.55 -1.79 20.69
C MET D 86 -28.61 -2.87 20.92
N ASN D 87 -28.55 -3.96 20.16
CA ASN D 87 -29.52 -5.07 20.31
C ASN D 87 -29.16 -5.89 21.55
N SER D 88 -30.15 -6.56 22.14
CA SER D 88 -29.92 -7.44 23.33
C SER D 88 -29.03 -6.74 24.36
N LEU D 89 -29.41 -5.54 24.80
CA LEU D 89 -28.61 -4.78 25.80
C LEU D 89 -28.57 -5.56 27.12
N ARG D 90 -27.40 -5.68 27.73
CA ARG D 90 -27.27 -6.37 29.04
C ARG D 90 -26.99 -5.33 30.14
N ALA D 91 -27.26 -5.68 31.41
CA ALA D 91 -27.08 -4.72 32.53
C ALA D 91 -25.59 -4.37 32.74
N GLU D 92 -24.71 -4.93 31.90
CA GLU D 92 -23.26 -4.66 32.01
C GLU D 92 -22.91 -3.52 31.04
N ASP D 93 -23.90 -2.91 30.40
CA ASP D 93 -23.61 -1.86 29.38
C ASP D 93 -23.96 -0.47 29.94
N THR D 94 -24.58 -0.41 31.13
CA THR D 94 -24.99 0.90 31.70
C THR D 94 -23.75 1.79 31.78
N ALA D 95 -23.72 2.89 31.01
CA ALA D 95 -22.52 3.76 30.97
C ALA D 95 -22.79 5.04 30.19
N VAL D 96 -21.79 5.91 30.10
CA VAL D 96 -21.92 7.14 29.27
C VAL D 96 -21.14 6.90 27.97
N TYR D 97 -21.82 6.83 26.83
CA TYR D 97 -21.15 6.51 25.55
C TYR D 97 -20.74 7.81 24.84
N TYR D 98 -19.49 7.92 24.41
CA TYR D 98 -19.02 9.12 23.67
C TYR D 98 -18.65 8.74 22.23
N CYS D 99 -19.07 9.54 21.24
CA CYS D 99 -18.64 9.28 19.84
C CYS D 99 -17.42 10.16 19.54
N ALA D 100 -16.23 9.55 19.45
CA ALA D 100 -14.98 10.31 19.18
C ALA D 100 -14.62 10.25 17.70
N ARG D 101 -13.64 11.04 17.26
CA ARG D 101 -13.29 11.11 15.81
C ARG D 101 -11.77 11.21 15.62
N HIS D 102 -11.23 10.55 14.58
CA HIS D 102 -9.79 10.66 14.26
C HIS D 102 -9.64 10.85 12.74
N ASN D 103 -8.72 11.71 12.29
CA ASN D 103 -8.59 12.00 10.85
C ASN D 103 -7.97 10.80 10.13
N TYR D 104 -8.73 10.15 9.24
CA TYR D 104 -8.23 8.93 8.54
C TYR D 104 -7.04 9.28 7.66
N TRP D 105 -7.15 10.33 6.85
CA TRP D 105 -6.07 10.67 5.89
C TRP D 105 -4.72 10.79 6.61
N GLN D 106 -4.68 11.48 7.75
CA GLN D 106 -3.43 11.57 8.55
C GLN D 106 -3.48 10.51 9.65
N TRP D 107 -3.32 9.23 9.30
CA TRP D 107 -3.43 8.15 10.32
C TRP D 107 -2.05 7.88 10.93
N TRP D 108 -1.03 7.71 10.08
CA TRP D 108 0.32 7.35 10.59
C TRP D 108 0.76 8.41 11.60
N GLU D 109 0.63 9.69 11.27
CA GLU D 109 0.90 10.74 12.27
C GLU D 109 -0.33 10.83 13.17
N TYR D 110 -0.14 11.12 14.46
CA TYR D 110 -1.26 11.14 15.43
C TYR D 110 -2.02 9.80 15.32
N SER D 111 -1.31 8.67 15.39
CA SER D 111 -1.93 7.34 15.21
C SER D 111 -3.12 7.17 16.15
N TYR D 112 -4.31 6.89 15.60
CA TYR D 112 -5.55 6.65 16.42
C TYR D 112 -5.62 7.61 17.61
N ALA D 113 -5.41 8.91 17.38
CA ALA D 113 -5.54 9.90 18.48
C ALA D 113 -6.93 10.54 18.39
N LEU D 114 -7.75 10.34 19.43
CA LEU D 114 -9.14 10.86 19.40
C LEU D 114 -9.10 12.37 19.67
N ASP D 115 -9.08 13.18 18.61
CA ASP D 115 -8.95 14.66 18.76
C ASP D 115 -10.19 15.26 19.45
N TYR D 116 -11.39 14.89 18.99
CA TYR D 116 -12.63 15.52 19.54
C TYR D 116 -13.62 14.45 20.00
N TRP D 117 -14.30 14.68 21.14
CA TRP D 117 -15.29 13.72 21.67
C TRP D 117 -16.68 14.37 21.67
N GLY D 118 -17.51 14.08 22.68
CA GLY D 118 -18.86 14.69 22.77
C GLY D 118 -19.36 14.73 24.21
N GLN D 119 -20.59 15.19 24.44
CA GLN D 119 -21.09 15.33 25.83
C GLN D 119 -21.40 13.94 26.40
N GLY D 120 -22.01 13.07 25.60
CA GLY D 120 -22.24 11.68 26.05
C GLY D 120 -23.70 11.30 26.16
N THR D 121 -24.00 10.02 25.98
CA THR D 121 -25.39 9.53 26.14
C THR D 121 -25.42 8.52 27.27
N LEU D 122 -26.31 8.72 28.25
CA LEU D 122 -26.39 7.82 29.39
C LEU D 122 -27.58 6.89 29.21
N VAL D 123 -27.31 5.59 29.38
CA VAL D 123 -28.35 4.54 29.25
C VAL D 123 -28.36 3.69 30.53
N THR D 124 -29.53 3.33 31.06
CA THR D 124 -29.66 2.53 32.27
C THR D 124 -30.52 1.31 31.98
N VAL D 125 -30.20 0.23 32.71
CA VAL D 125 -30.92 -1.07 32.53
C VAL D 125 -31.51 -1.50 33.87
N SER D 126 -32.82 -1.70 33.94
CA SER D 126 -33.51 -2.08 35.17
C SER D 126 -34.70 -2.98 34.88
#